data_7Y4K
#
_entry.id   7Y4K
#
_cell.length_a   67.639
_cell.length_b   67.639
_cell.length_c   141.079
_cell.angle_alpha   90.000
_cell.angle_beta   90.000
_cell.angle_gamma   90.000
#
_symmetry.space_group_name_H-M   'P 41 21 2'
#
loop_
_entity.id
_entity.type
_entity.pdbx_description
1 polymer 'Ricin A chain'
2 non-polymer '(2S)-2-[[(2S)-2-[2-[(2-azanyl-4-oxidanylidene-3H-pteridin-7-yl)carbonylamino]ethanoylamino]-3-phenyl-propanoyl]amino]-5-(phenylmethoxycarbonylamino)pentanoic acid'
3 non-polymer 'SULFATE ION'
4 water water
#
_entity_poly.entity_id   1
_entity_poly.type   'polypeptide(L)'
_entity_poly.pdbx_seq_one_letter_code
;MHHHHHHIFPKQYPIINFTTAGATVQSYTNFIRAVRGRLTTGADVRHEIPVLPNRVGLPINQRFILVELSNHAELSVTLA
LDVTNAYVVGYRAGNSAYFFHPDNQEDAEAITHLFTDVQNRYTFAFGGNYDRLEQLAGNLRENIELGNGPLEEAISALYY
YSTGGTQLPTLARSFIICIQMISEAARFQYIEGEMRTRIRYNRRSAPDPSVITLENSWGRLSTAIQESNQGAFASPIQLQ
RRNGSKFSVYDVSILIPIIALMVYRCAPPPSSQF
;
_entity_poly.pdbx_strand_id   A
#
loop_
_chem_comp.id
_chem_comp.type
_chem_comp.name
_chem_comp.formula
JKU peptide-like '(2S)-2-[[(2S)-2-[2-[(2-azanyl-4-oxidanylidene-3H-pteridin-7-yl)carbonylamino]ethanoylamino]-3-phenyl-propanoyl]amino]-5-(phenylmethoxycarbonylamino)pentanoic acid' 'C31 H33 N9 O8'
SO4 non-polymer 'SULFATE ION' 'O4 S -2'
#
# COMPACT_ATOMS: atom_id res chain seq x y z
N GLN A 12 12.50 12.71 11.48
CA GLN A 12 11.40 13.72 11.48
C GLN A 12 10.07 13.14 10.98
N TYR A 13 10.10 12.38 9.90
CA TYR A 13 8.92 11.65 9.43
C TYR A 13 8.56 10.54 10.42
N PRO A 14 7.25 10.34 10.67
CA PRO A 14 6.82 9.32 11.63
C PRO A 14 7.22 7.92 11.20
N ILE A 15 7.59 7.09 12.17
CA ILE A 15 7.97 5.70 11.93
C ILE A 15 6.96 4.80 12.63
N ILE A 16 6.48 3.80 11.89
CA ILE A 16 5.68 2.71 12.43
C ILE A 16 6.48 1.42 12.29
N ASN A 17 6.60 0.67 13.38
CA ASN A 17 7.29 -0.62 13.37
C ASN A 17 6.36 -1.81 13.27
N PHE A 18 6.77 -2.80 12.49
CA PHE A 18 6.10 -4.10 12.45
C PHE A 18 7.13 -5.18 12.29
N THR A 19 6.91 -6.31 12.95
CA THR A 19 7.74 -7.50 12.71
C THR A 19 6.93 -8.73 12.35
N THR A 20 7.45 -9.50 11.41
CA THR A 20 6.88 -10.80 11.05
C THR A 20 7.20 -11.86 12.12
N ALA A 21 8.22 -11.57 12.94
CA ALA A 21 8.67 -12.46 14.01
C ALA A 21 7.56 -12.59 15.06
N GLY A 22 6.96 -13.78 15.12
CA GLY A 22 5.85 -14.06 16.03
C GLY A 22 4.61 -13.19 15.81
N ALA A 23 4.41 -12.74 14.57
CA ALA A 23 3.25 -11.90 14.25
C ALA A 23 1.95 -12.63 14.53
N THR A 24 0.99 -11.90 15.07
CA THR A 24 -0.34 -12.41 15.33
C THR A 24 -1.37 -11.50 14.67
N VAL A 25 -2.62 -11.96 14.62
CA VAL A 25 -3.73 -11.13 14.12
C VAL A 25 -3.71 -9.77 14.83
N GLN A 26 -3.61 -9.79 16.16
CA GLN A 26 -3.62 -8.56 16.94
C GLN A 26 -2.44 -7.62 16.63
N SER A 27 -1.23 -8.16 16.51
CA SER A 27 -0.06 -7.30 16.24
C SER A 27 -0.14 -6.70 14.84
N TYR A 28 -0.62 -7.47 13.88
CA TYR A 28 -0.85 -6.97 12.53
C TYR A 28 -1.95 -5.90 12.51
N THR A 29 -3.04 -6.15 13.23
CA THR A 29 -4.16 -5.20 13.34
C THR A 29 -3.67 -3.86 13.92
N ASN A 30 -2.89 -3.94 15.00
CA ASN A 30 -2.32 -2.74 15.62
C ASN A 30 -1.47 -1.95 14.63
N PHE A 31 -0.68 -2.68 13.84
CA PHE A 31 0.20 -2.11 12.83
C PHE A 31 -0.56 -1.35 11.75
N ILE A 32 -1.55 -2.00 11.13
CA ILE A 32 -2.35 -1.36 10.08
C ILE A 32 -3.11 -0.14 10.61
N ARG A 33 -3.66 -0.26 11.83
CA ARG A 33 -4.34 0.86 12.50
C ARG A 33 -3.39 2.06 12.67
N ALA A 34 -2.16 1.78 13.12
CA ALA A 34 -1.13 2.81 13.27
C ALA A 34 -0.76 3.47 11.94
N VAL A 35 -0.62 2.66 10.89
CA VAL A 35 -0.32 3.18 9.54
C VAL A 35 -1.42 4.14 9.09
N ARG A 36 -2.68 3.71 9.21
CA ARG A 36 -3.83 4.55 8.83
C ARG A 36 -3.83 5.87 9.61
N GLY A 37 -3.50 5.79 10.90
CA GLY A 37 -3.44 6.95 11.79
C GLY A 37 -2.42 7.99 11.36
N ARG A 38 -1.30 7.52 10.81
CA ARG A 38 -0.23 8.40 10.32
C ARG A 38 -0.46 8.87 8.89
N LEU A 39 -1.26 8.12 8.14
CA LEU A 39 -1.60 8.51 6.77
C LEU A 39 -2.62 9.64 6.69
N THR A 40 -3.69 9.54 7.49
CA THR A 40 -4.79 10.51 7.50
C THR A 40 -4.80 11.39 8.74
N THR A 41 -5.30 12.62 8.58
CA THR A 41 -5.33 13.63 9.64
C THR A 41 -6.67 13.69 10.38
N GLY A 42 -7.72 13.14 9.76
CA GLY A 42 -9.10 13.26 10.27
C GLY A 42 -9.84 14.49 9.76
N ALA A 43 -9.15 15.32 8.97
CA ALA A 43 -9.72 16.54 8.41
C ALA A 43 -10.80 16.26 7.35
N ASP A 44 -10.68 15.11 6.70
CA ASP A 44 -11.46 14.84 5.49
C ASP A 44 -12.11 13.46 5.56
N VAL A 45 -13.41 13.45 5.86
CA VAL A 45 -14.19 12.21 5.94
C VAL A 45 -15.46 12.42 5.11
N ARG A 46 -15.70 11.50 4.18
CA ARG A 46 -16.85 11.61 3.30
C ARG A 46 -17.61 10.30 3.22
N HIS A 47 -18.89 10.37 3.56
CA HIS A 47 -19.77 9.19 3.73
C HIS A 47 -19.15 8.15 4.65
N GLU A 48 -18.56 8.62 5.75
CA GLU A 48 -17.91 7.83 6.81
C GLU A 48 -16.55 7.24 6.41
N ILE A 49 -16.04 7.62 5.24
CA ILE A 49 -14.75 7.12 4.74
C ILE A 49 -13.70 8.23 4.70
N PRO A 50 -12.60 8.08 5.45
CA PRO A 50 -11.51 9.06 5.46
C PRO A 50 -10.82 9.22 4.10
N VAL A 51 -10.40 10.44 3.80
CA VAL A 51 -9.67 10.76 2.59
C VAL A 51 -8.25 11.13 2.98
N LEU A 52 -7.28 10.65 2.19
CA LEU A 52 -5.88 11.02 2.32
C LEU A 52 -5.67 12.51 2.01
N PRO A 53 -4.58 13.11 2.55
CA PRO A 53 -4.35 14.54 2.28
C PRO A 53 -4.20 14.83 0.80
N ASN A 54 -4.69 15.99 0.41
CA ASN A 54 -4.50 16.53 -0.93
C ASN A 54 -3.02 16.83 -1.14
N ARG A 55 -2.47 16.34 -2.26
CA ARG A 55 -1.09 16.62 -2.65
C ARG A 55 -0.84 18.12 -2.85
N VAL A 56 -1.86 18.83 -3.34
CA VAL A 56 -1.76 20.26 -3.68
C VAL A 56 -1.58 21.07 -2.39
N GLY A 57 -0.42 21.72 -2.29
CA GLY A 57 -0.08 22.57 -1.15
C GLY A 57 0.35 21.84 0.11
N LEU A 58 0.54 20.52 0.02
CA LEU A 58 0.97 19.72 1.17
C LEU A 58 2.46 19.96 1.45
N PRO A 59 2.80 20.48 2.65
CA PRO A 59 4.20 20.75 2.99
C PRO A 59 5.05 19.50 2.99
N ILE A 60 6.30 19.63 2.52
CA ILE A 60 7.22 18.50 2.41
C ILE A 60 7.47 17.77 3.74
N ASN A 61 7.43 18.50 4.86
CA ASN A 61 7.63 17.89 6.17
C ASN A 61 6.48 16.98 6.63
N GLN A 62 5.41 16.94 5.83
CA GLN A 62 4.22 16.16 6.11
C GLN A 62 3.94 15.12 5.03
N ARG A 63 4.89 14.94 4.11
CA ARG A 63 4.63 14.18 2.87
C ARG A 63 4.77 12.67 2.99
N PHE A 64 5.62 12.21 3.90
CA PHE A 64 5.96 10.79 4.00
C PHE A 64 5.80 10.21 5.41
N ILE A 65 5.55 8.91 5.45
CA ILE A 65 5.69 8.11 6.67
C ILE A 65 6.66 6.96 6.41
N LEU A 66 7.23 6.43 7.47
CA LEU A 66 8.19 5.34 7.37
C LEU A 66 7.64 4.11 8.08
N VAL A 67 7.81 2.97 7.42
CA VAL A 67 7.36 1.68 7.94
C VAL A 67 8.62 0.83 8.07
N GLU A 68 9.03 0.59 9.31
CA GLU A 68 10.22 -0.20 9.59
C GLU A 68 9.79 -1.64 9.81
N LEU A 69 10.18 -2.50 8.87
CA LEU A 69 9.85 -3.91 8.92
C LEU A 69 11.03 -4.71 9.42
N SER A 70 10.78 -5.53 10.43
CA SER A 70 11.77 -6.47 10.93
C SER A 70 11.26 -7.88 10.73
N ASN A 71 12.17 -8.85 10.72
CA ASN A 71 11.77 -10.24 10.59
C ASN A 71 12.44 -11.19 11.59
N HIS A 72 12.04 -12.46 11.60
CA HIS A 72 12.63 -13.46 12.51
C HIS A 72 14.14 -13.64 12.25
N ALA A 73 14.56 -13.42 11.01
CA ALA A 73 15.97 -13.46 10.60
C ALA A 73 16.84 -12.32 11.17
N GLU A 74 16.24 -11.43 11.97
CA GLU A 74 16.91 -10.28 12.62
C GLU A 74 17.42 -9.24 11.61
N LEU A 75 16.66 -9.09 10.54
CA LEU A 75 16.96 -8.10 9.50
C LEU A 75 15.87 -7.05 9.51
N SER A 76 16.24 -5.83 9.13
CA SER A 76 15.28 -4.73 9.01
C SER A 76 15.41 -3.98 7.70
N VAL A 77 14.25 -3.57 7.17
CA VAL A 77 14.18 -2.62 6.05
C VAL A 77 13.15 -1.54 6.40
N THR A 78 13.33 -0.35 5.83
CA THR A 78 12.39 0.75 6.06
C THR A 78 11.77 1.16 4.74
N LEU A 79 10.46 1.01 4.65
CA LEU A 79 9.72 1.47 3.48
C LEU A 79 9.29 2.91 3.69
N ALA A 80 9.34 3.70 2.63
CA ALA A 80 8.82 5.06 2.62
C ALA A 80 7.50 5.08 1.88
N LEU A 81 6.46 5.58 2.56
CA LEU A 81 5.13 5.70 1.96
C LEU A 81 4.73 7.16 1.80
N ASP A 82 4.21 7.48 0.62
CA ASP A 82 3.66 8.80 0.31
C ASP A 82 2.26 8.89 0.92
N VAL A 83 2.06 9.87 1.80
CA VAL A 83 0.77 10.03 2.50
C VAL A 83 -0.43 10.36 1.59
N THR A 84 -0.16 10.90 0.40
CA THR A 84 -1.22 11.30 -0.52
C THR A 84 -1.90 10.08 -1.17
N ASN A 85 -1.20 8.95 -1.23
CA ASN A 85 -1.75 7.77 -1.91
C ASN A 85 -1.38 6.42 -1.26
N ALA A 86 -0.66 6.48 -0.13
CA ALA A 86 -0.11 5.30 0.57
C ALA A 86 0.87 4.47 -0.28
N TYR A 87 1.37 5.06 -1.37
CA TYR A 87 2.31 4.42 -2.30
CA TYR A 87 2.30 4.36 -2.27
C TYR A 87 3.67 4.18 -1.64
N VAL A 88 4.23 2.98 -1.81
CA VAL A 88 5.60 2.71 -1.40
C VAL A 88 6.49 3.33 -2.47
N VAL A 89 7.22 4.39 -2.10
CA VAL A 89 8.05 5.12 -3.07
C VAL A 89 9.50 4.64 -3.11
N GLY A 90 9.90 3.91 -2.08
CA GLY A 90 11.25 3.38 -1.99
C GLY A 90 11.52 2.72 -0.66
N TYR A 91 12.75 2.25 -0.49
CA TYR A 91 13.15 1.64 0.77
C TYR A 91 14.61 1.86 1.12
N ARG A 92 14.92 1.72 2.41
CA ARG A 92 16.28 1.70 2.93
C ARG A 92 16.61 0.35 3.55
N ALA A 93 17.79 -0.17 3.22
CA ALA A 93 18.37 -1.31 3.93
C ALA A 93 19.82 -0.99 4.23
N GLY A 94 20.11 -0.80 5.52
CA GLY A 94 21.47 -0.46 5.98
C GLY A 94 22.02 0.78 5.31
N ASN A 95 23.09 0.59 4.54
CA ASN A 95 23.84 1.67 3.90
C ASN A 95 23.30 2.18 2.56
N SER A 96 22.21 1.57 2.08
CA SER A 96 21.66 1.88 0.77
C SER A 96 20.16 2.14 0.77
N ALA A 97 19.76 3.11 -0.05
CA ALA A 97 18.34 3.39 -0.31
C ALA A 97 18.06 3.34 -1.81
N TYR A 98 16.87 2.85 -2.13
CA TYR A 98 16.42 2.64 -3.50
C TYR A 98 15.04 3.22 -3.68
N PHE A 99 14.86 4.01 -4.73
CA PHE A 99 13.57 4.63 -5.04
C PHE A 99 13.09 4.24 -6.42
N PHE A 100 11.78 4.03 -6.55
CA PHE A 100 11.17 3.81 -7.87
C PHE A 100 11.31 5.08 -8.70
N HIS A 101 11.34 4.92 -10.02
CA HIS A 101 11.41 6.05 -10.95
C HIS A 101 10.23 7.00 -10.73
N PRO A 102 10.51 8.28 -10.38
CA PRO A 102 9.43 9.25 -10.12
C PRO A 102 8.60 9.60 -11.35
N ASP A 103 7.30 9.80 -11.14
CA ASP A 103 6.32 10.12 -12.19
C ASP A 103 6.50 11.54 -12.75
N ASN A 104 7.07 12.43 -11.94
CA ASN A 104 7.23 13.85 -12.28
C ASN A 104 8.35 14.52 -11.48
N GLN A 105 8.67 15.76 -11.85
CA GLN A 105 9.76 16.53 -11.22
C GLN A 105 9.54 16.81 -9.73
N GLU A 106 8.30 17.09 -9.33
CA GLU A 106 8.02 17.38 -7.92
C GLU A 106 8.14 16.14 -7.02
N ASP A 107 7.77 14.96 -7.54
CA ASP A 107 8.00 13.70 -6.83
C ASP A 107 9.49 13.38 -6.70
N ALA A 108 10.25 13.67 -7.76
CA ALA A 108 11.70 13.50 -7.75
C ALA A 108 12.36 14.37 -6.67
N GLU A 109 11.91 15.62 -6.55
CA GLU A 109 12.42 16.50 -5.50
C GLU A 109 12.00 15.97 -4.12
N ALA A 110 10.73 15.57 -4.00
CA ALA A 110 10.16 15.08 -2.74
C ALA A 110 11.00 13.96 -2.11
N ILE A 111 11.39 12.97 -2.92
CA ILE A 111 12.16 11.82 -2.42
C ILE A 111 13.59 12.12 -1.98
N THR A 112 14.12 13.30 -2.38
CA THR A 112 15.41 13.78 -1.87
C THR A 112 15.35 14.12 -0.37
N HIS A 113 14.14 14.23 0.18
CA HIS A 113 13.94 14.50 1.60
C HIS A 113 13.89 13.22 2.44
N LEU A 114 13.97 12.07 1.77
CA LEU A 114 13.95 10.76 2.42
C LEU A 114 15.34 10.12 2.53
N PHE A 115 15.59 9.50 3.69
CA PHE A 115 16.84 8.79 3.99
C PHE A 115 18.06 9.63 3.65
N THR A 116 18.09 10.86 4.18
CA THR A 116 19.10 11.86 3.79
C THR A 116 20.52 11.54 4.28
N ASP A 117 20.63 10.70 5.31
CA ASP A 117 21.93 10.33 5.87
C ASP A 117 22.49 8.99 5.33
N VAL A 118 21.77 8.38 4.39
CA VAL A 118 22.20 7.13 3.76
C VAL A 118 23.40 7.35 2.83
N GLN A 119 24.35 6.43 2.86
CA GLN A 119 25.61 6.57 2.11
C GLN A 119 25.42 6.39 0.60
N ASN A 120 24.52 5.48 0.23
CA ASN A 120 24.29 5.13 -1.18
C ASN A 120 22.83 5.31 -1.59
N ARG A 121 22.58 6.27 -2.48
CA ARG A 121 21.24 6.57 -2.97
C ARG A 121 21.08 6.11 -4.42
N TYR A 122 20.07 5.29 -4.67
CA TYR A 122 19.76 4.86 -6.04
C TYR A 122 18.31 5.12 -6.41
N THR A 123 18.10 5.55 -7.65
CA THR A 123 16.79 5.59 -8.24
C THR A 123 16.75 4.51 -9.33
N PHE A 124 15.82 3.58 -9.18
CA PHE A 124 15.53 2.58 -10.20
C PHE A 124 15.08 3.27 -11.48
N ALA A 125 15.46 2.70 -12.62
CA ALA A 125 15.01 3.20 -13.92
C ALA A 125 13.55 2.85 -14.21
N PHE A 126 12.98 1.94 -13.41
CA PHE A 126 11.59 1.52 -13.57
C PHE A 126 10.69 2.11 -12.48
N GLY A 127 9.42 2.30 -12.83
CA GLY A 127 8.39 2.76 -11.90
C GLY A 127 7.95 1.62 -10.99
N GLY A 128 7.19 1.95 -9.95
CA GLY A 128 6.75 0.96 -8.95
C GLY A 128 5.34 0.45 -9.02
N ASN A 129 4.64 0.69 -10.14
CA ASN A 129 3.28 0.20 -10.34
CA ASN A 129 3.28 0.21 -10.39
C ASN A 129 3.24 -1.32 -10.50
N TYR A 130 2.10 -1.93 -10.21
CA TYR A 130 1.93 -3.39 -10.32
C TYR A 130 2.29 -3.92 -11.71
N ASP A 131 1.82 -3.23 -12.76
CA ASP A 131 2.10 -3.60 -14.16
C ASP A 131 3.60 -3.84 -14.38
N ARG A 132 4.41 -2.86 -13.99
CA ARG A 132 5.85 -2.93 -14.13
C ARG A 132 6.47 -4.00 -13.23
N LEU A 133 6.01 -4.07 -11.99
CA LEU A 133 6.58 -5.01 -11.02
C LEU A 133 6.30 -6.47 -11.38
N GLU A 134 5.09 -6.73 -11.87
CA GLU A 134 4.69 -8.07 -12.34
C GLU A 134 5.51 -8.50 -13.55
N GLN A 135 5.77 -7.57 -14.46
CA GLN A 135 6.62 -7.80 -15.63
C GLN A 135 8.02 -8.25 -15.20
N LEU A 136 8.62 -7.50 -14.26
CA LEU A 136 9.95 -7.81 -13.72
C LEU A 136 9.97 -9.09 -12.89
N ALA A 137 8.92 -9.31 -12.10
CA ALA A 137 8.79 -10.53 -11.29
C ALA A 137 8.64 -11.79 -12.13
N GLY A 138 8.09 -11.64 -13.33
CA GLY A 138 7.71 -12.76 -14.19
C GLY A 138 6.52 -13.53 -13.63
N ASN A 139 5.72 -12.84 -12.83
CA ASN A 139 4.50 -13.41 -12.23
C ASN A 139 3.50 -12.30 -11.97
N LEU A 140 2.22 -12.63 -12.15
CA LEU A 140 1.13 -11.71 -11.82
C LEU A 140 0.81 -11.80 -10.33
N ARG A 141 0.15 -10.77 -9.79
CA ARG A 141 -0.34 -10.80 -8.41
C ARG A 141 -1.13 -12.08 -8.08
N GLU A 142 -1.96 -12.53 -9.02
CA GLU A 142 -2.78 -13.74 -8.83
C GLU A 142 -1.99 -15.03 -8.54
N ASN A 143 -0.69 -15.01 -8.80
CA ASN A 143 0.19 -16.16 -8.60
C ASN A 143 1.31 -15.94 -7.58
N ILE A 144 1.24 -14.84 -6.85
CA ILE A 144 2.23 -14.50 -5.83
C ILE A 144 1.58 -14.66 -4.45
N GLU A 145 2.10 -15.61 -3.67
CA GLU A 145 1.52 -15.93 -2.37
C GLU A 145 1.77 -14.80 -1.37
N LEU A 146 0.75 -14.53 -0.56
CA LEU A 146 0.82 -13.54 0.51
C LEU A 146 0.61 -14.22 1.85
N GLY A 147 1.10 -13.58 2.90
CA GLY A 147 0.99 -14.10 4.26
C GLY A 147 2.21 -13.71 5.05
N ASN A 148 2.28 -14.16 6.30
CA ASN A 148 3.42 -13.84 7.15
C ASN A 148 4.74 -14.41 6.63
N GLY A 149 4.70 -15.64 6.13
CA GLY A 149 5.86 -16.30 5.52
C GLY A 149 6.40 -15.51 4.32
N PRO A 150 5.54 -15.23 3.32
CA PRO A 150 5.99 -14.38 2.20
C PRO A 150 6.58 -13.03 2.65
N LEU A 151 5.97 -12.38 3.65
CA LEU A 151 6.45 -11.07 4.12
C LEU A 151 7.82 -11.20 4.81
N GLU A 152 7.96 -12.21 5.66
CA GLU A 152 9.24 -12.57 6.29
C GLU A 152 10.36 -12.70 5.24
N GLU A 153 10.05 -13.44 4.18
CA GLU A 153 10.99 -13.70 3.08
C GLU A 153 11.25 -12.44 2.25
N ALA A 154 10.19 -11.64 2.06
CA ALA A 154 10.29 -10.37 1.31
C ALA A 154 11.25 -9.39 1.98
N ILE A 155 11.20 -9.33 3.32
CA ILE A 155 12.07 -8.45 4.11
C ILE A 155 13.53 -8.86 3.92
N SER A 156 13.81 -10.16 3.98
CA SER A 156 15.16 -10.67 3.70
C SER A 156 15.65 -10.33 2.27
N ALA A 157 14.78 -10.52 1.28
CA ALA A 157 15.10 -10.25 -0.12
C ALA A 157 15.42 -8.78 -0.38
N LEU A 158 14.62 -7.88 0.21
CA LEU A 158 14.90 -6.45 0.12
C LEU A 158 16.22 -6.10 0.81
N TYR A 159 16.47 -6.71 1.97
CA TYR A 159 17.68 -6.45 2.73
C TYR A 159 18.95 -6.80 1.95
N TYR A 160 18.94 -7.96 1.27
CA TYR A 160 20.14 -8.46 0.59
C TYR A 160 20.36 -7.98 -0.85
N TYR A 161 19.45 -7.14 -1.36
CA TYR A 161 19.54 -6.69 -2.76
C TYR A 161 20.85 -5.99 -3.11
N SER A 162 21.30 -5.10 -2.22
CA SER A 162 22.49 -4.26 -2.46
C SER A 162 23.78 -5.06 -2.59
N THR A 163 23.83 -6.23 -1.96
CA THR A 163 25.02 -7.07 -1.94
C THR A 163 25.02 -8.17 -3.01
N GLY A 164 23.96 -8.21 -3.82
CA GLY A 164 23.86 -9.15 -4.93
C GLY A 164 23.16 -10.47 -4.66
N GLY A 165 22.71 -10.66 -3.42
CA GLY A 165 22.03 -11.89 -3.01
C GLY A 165 20.62 -12.07 -3.58
N THR A 166 20.02 -10.97 -4.02
CA THR A 166 18.64 -10.98 -4.51
C THR A 166 18.57 -10.62 -5.99
N GLN A 167 18.04 -11.53 -6.79
CA GLN A 167 17.81 -11.29 -8.22
C GLN A 167 16.64 -10.32 -8.39
N LEU A 168 16.63 -9.60 -9.51
CA LEU A 168 15.57 -8.62 -9.81
C LEU A 168 14.13 -9.16 -9.75
N PRO A 169 13.85 -10.36 -10.35
CA PRO A 169 12.48 -10.89 -10.24
C PRO A 169 12.02 -11.13 -8.79
N THR A 170 12.94 -11.61 -7.95
CA THR A 170 12.69 -11.81 -6.51
C THR A 170 12.45 -10.48 -5.78
N LEU A 171 13.22 -9.46 -6.16
CA LEU A 171 13.03 -8.11 -5.60
C LEU A 171 11.64 -7.55 -5.94
N ALA A 172 11.25 -7.68 -7.21
CA ALA A 172 9.94 -7.24 -7.70
C ALA A 172 8.80 -7.96 -6.99
N ARG A 173 8.94 -9.30 -6.87
CA ARG A 173 8.00 -10.16 -6.16
CA ARG A 173 7.97 -10.13 -6.17
C ARG A 173 7.83 -9.68 -4.71
N SER A 174 8.97 -9.40 -4.08
CA SER A 174 9.02 -8.97 -2.69
C SER A 174 8.35 -7.59 -2.49
N PHE A 175 8.55 -6.67 -3.44
CA PHE A 175 7.82 -5.39 -3.43
C PHE A 175 6.31 -5.64 -3.50
N ILE A 176 5.90 -6.52 -4.42
CA ILE A 176 4.48 -6.85 -4.63
C ILE A 176 3.86 -7.35 -3.32
N ILE A 177 4.61 -8.16 -2.58
CA ILE A 177 4.15 -8.67 -1.28
C ILE A 177 3.98 -7.53 -0.27
N CYS A 178 5.03 -6.72 -0.10
CA CYS A 178 5.00 -5.60 0.84
C CYS A 178 3.87 -4.62 0.56
N ILE A 179 3.73 -4.24 -0.70
CA ILE A 179 2.70 -3.28 -1.12
C ILE A 179 1.30 -3.75 -0.74
N GLN A 180 0.99 -5.02 -1.01
CA GLN A 180 -0.35 -5.54 -0.73
C GLN A 180 -0.61 -5.70 0.77
N MET A 181 0.40 -6.13 1.50
CA MET A 181 0.24 -6.44 2.93
C MET A 181 0.29 -5.20 3.81
N ILE A 182 0.76 -4.10 3.23
CA ILE A 182 0.88 -2.84 3.95
C ILE A 182 -0.04 -1.78 3.34
N SER A 183 0.27 -1.32 2.14
CA SER A 183 -0.51 -0.25 1.50
C SER A 183 -1.96 -0.64 1.20
N GLU A 184 -2.15 -1.80 0.56
CA GLU A 184 -3.51 -2.22 0.21
C GLU A 184 -4.34 -2.54 1.45
N ALA A 185 -3.72 -3.16 2.44
CA ALA A 185 -4.36 -3.43 3.72
C ALA A 185 -4.76 -2.13 4.43
N ALA A 186 -3.91 -1.10 4.34
CA ALA A 186 -4.25 0.22 4.89
C ALA A 186 -5.44 0.86 4.16
N ARG A 187 -5.46 0.72 2.84
CA ARG A 187 -6.54 1.26 2.00
C ARG A 187 -7.88 0.55 2.19
N PHE A 188 -7.85 -0.77 2.37
CA PHE A 188 -9.07 -1.58 2.38
C PHE A 188 -9.17 -2.46 3.61
N GLN A 189 -10.17 -2.22 4.48
CA GLN A 189 -10.44 -3.12 5.62
CA GLN A 189 -10.43 -3.10 5.61
C GLN A 189 -10.58 -4.55 5.14
N TYR A 190 -11.19 -4.72 3.96
CA TYR A 190 -11.39 -6.04 3.37
C TYR A 190 -10.08 -6.78 3.14
N ILE A 191 -9.09 -6.05 2.62
CA ILE A 191 -7.78 -6.65 2.33
C ILE A 191 -7.02 -6.89 3.63
N GLU A 192 -7.13 -5.95 4.58
CA GLU A 192 -6.61 -6.18 5.93
C GLU A 192 -7.18 -7.48 6.52
N GLY A 193 -8.49 -7.67 6.39
CA GLY A 193 -9.19 -8.90 6.84
C GLY A 193 -8.62 -10.16 6.23
N GLU A 194 -8.40 -10.14 4.91
CA GLU A 194 -7.78 -11.25 4.20
C GLU A 194 -6.37 -11.58 4.68
N MET A 195 -5.60 -10.56 5.03
CA MET A 195 -4.26 -10.77 5.58
C MET A 195 -4.30 -11.28 7.02
N ARG A 196 -5.25 -10.77 7.82
CA ARG A 196 -5.48 -11.27 9.20
C ARG A 196 -5.75 -12.77 9.19
N THR A 197 -6.60 -13.21 8.26
CA THR A 197 -6.94 -14.64 8.11
C THR A 197 -5.69 -15.49 7.80
N ARG A 198 -4.86 -15.04 6.86
CA ARG A 198 -3.62 -15.72 6.52
C ARG A 198 -2.69 -15.85 7.73
N ILE A 199 -2.63 -14.79 8.54
CA ILE A 199 -1.79 -14.79 9.75
C ILE A 199 -2.37 -15.73 10.81
N ARG A 200 -3.69 -15.64 11.05
CA ARG A 200 -4.38 -16.48 12.04
C ARG A 200 -4.10 -17.98 11.87
N TYR A 201 -4.05 -18.43 10.63
CA TYR A 201 -3.86 -19.86 10.34
C TYR A 201 -2.48 -20.21 9.81
N ASN A 202 -1.59 -19.22 9.75
CA ASN A 202 -0.27 -19.34 9.15
C ASN A 202 -0.30 -20.07 7.80
N ARG A 203 -1.20 -19.61 6.93
CA ARG A 203 -1.40 -20.23 5.63
C ARG A 203 -1.25 -19.18 4.54
N ARG A 204 -0.19 -19.35 3.75
CA ARG A 204 0.09 -18.47 2.63
C ARG A 204 -0.73 -18.84 1.39
N SER A 205 -1.22 -17.82 0.69
CA SER A 205 -2.00 -18.00 -0.52
C SER A 205 -2.00 -16.73 -1.34
N ALA A 206 -2.07 -16.91 -2.66
CA ALA A 206 -2.19 -15.81 -3.59
C ALA A 206 -3.54 -15.10 -3.39
N PRO A 207 -3.61 -13.78 -3.68
CA PRO A 207 -4.87 -13.05 -3.57
C PRO A 207 -5.92 -13.49 -4.59
N ASP A 208 -7.14 -13.70 -4.13
CA ASP A 208 -8.26 -14.07 -4.99
C ASP A 208 -8.78 -12.85 -5.79
N PRO A 209 -9.74 -13.06 -6.72
CA PRO A 209 -10.22 -11.93 -7.54
C PRO A 209 -10.83 -10.74 -6.78
N SER A 210 -11.43 -10.99 -5.61
CA SER A 210 -12.01 -9.91 -4.81
C SER A 210 -10.93 -8.94 -4.34
N VAL A 211 -9.78 -9.49 -3.97
CA VAL A 211 -8.63 -8.68 -3.57
C VAL A 211 -8.05 -7.92 -4.77
N ILE A 212 -7.79 -8.63 -5.87
CA ILE A 212 -7.22 -8.04 -7.10
C ILE A 212 -8.08 -6.91 -7.66
N THR A 213 -9.39 -7.14 -7.78
CA THR A 213 -10.30 -6.13 -8.34
C THR A 213 -10.43 -4.90 -7.45
N LEU A 214 -10.42 -5.08 -6.14
CA LEU A 214 -10.39 -3.94 -5.23
C LEU A 214 -9.12 -3.10 -5.41
N GLU A 215 -7.97 -3.78 -5.48
CA GLU A 215 -6.68 -3.08 -5.69
C GLU A 215 -6.71 -2.30 -6.99
N ASN A 216 -7.20 -2.93 -8.05
CA ASN A 216 -7.27 -2.28 -9.37
C ASN A 216 -8.26 -1.12 -9.44
N SER A 217 -9.26 -1.13 -8.55
CA SER A 217 -10.34 -0.17 -8.61
C SER A 217 -10.26 0.96 -7.59
N TRP A 218 -9.18 1.00 -6.80
CA TRP A 218 -9.07 1.98 -5.69
C TRP A 218 -9.28 3.43 -6.14
N GLY A 219 -8.59 3.82 -7.21
CA GLY A 219 -8.73 5.17 -7.79
C GLY A 219 -10.14 5.48 -8.24
N ARG A 220 -10.73 4.56 -9.00
CA ARG A 220 -12.08 4.73 -9.54
C ARG A 220 -13.13 4.74 -8.43
N LEU A 221 -12.98 3.87 -7.45
CA LEU A 221 -13.87 3.86 -6.29
C LEU A 221 -13.79 5.18 -5.52
N SER A 222 -12.56 5.67 -5.29
CA SER A 222 -12.34 6.95 -4.64
C SER A 222 -13.05 8.09 -5.39
N THR A 223 -12.87 8.13 -6.71
CA THR A 223 -13.50 9.15 -7.55
C THR A 223 -15.04 9.01 -7.54
N ALA A 224 -15.55 7.79 -7.72
CA ALA A 224 -17.01 7.57 -7.75
C ALA A 224 -17.68 7.99 -6.45
N ILE A 225 -17.06 7.67 -5.31
CA ILE A 225 -17.57 8.10 -4.01
C ILE A 225 -17.56 9.62 -3.90
N GLN A 226 -16.44 10.24 -4.24
CA GLN A 226 -16.27 11.67 -4.05
C GLN A 226 -17.12 12.51 -5.01
N GLU A 227 -17.39 11.96 -6.20
CA GLU A 227 -18.23 12.62 -7.20
C GLU A 227 -19.71 12.22 -7.12
N SER A 228 -20.04 11.32 -6.20
CA SER A 228 -21.40 10.79 -6.08
C SER A 228 -22.45 11.87 -5.76
N ASN A 229 -23.69 11.57 -6.12
CA ASN A 229 -24.81 12.41 -5.74
C ASN A 229 -25.39 11.85 -4.45
N GLN A 230 -24.99 12.44 -3.33
CA GLN A 230 -25.42 12.00 -1.98
C GLN A 230 -25.08 10.51 -1.72
N GLY A 231 -24.00 10.02 -2.33
CA GLY A 231 -23.60 8.63 -2.17
C GLY A 231 -23.90 7.74 -3.36
N ALA A 232 -24.79 8.20 -4.24
CA ALA A 232 -25.22 7.44 -5.42
C ALA A 232 -24.26 7.65 -6.57
N PHE A 233 -23.69 6.55 -7.09
CA PHE A 233 -22.80 6.59 -8.25
C PHE A 233 -23.58 6.92 -9.52
N ALA A 234 -23.01 7.73 -10.39
CA ALA A 234 -23.60 7.98 -11.71
C ALA A 234 -23.47 6.74 -12.59
N SER A 235 -22.31 6.08 -12.49
CA SER A 235 -21.99 4.86 -13.22
C SER A 235 -21.64 3.78 -12.22
N PRO A 236 -22.20 2.57 -12.38
CA PRO A 236 -21.80 1.49 -11.48
C PRO A 236 -20.37 1.02 -11.72
N ILE A 237 -19.74 0.49 -10.67
CA ILE A 237 -18.40 -0.08 -10.77
C ILE A 237 -18.50 -1.58 -10.56
N GLN A 238 -17.90 -2.34 -11.47
CA GLN A 238 -17.90 -3.78 -11.40
C GLN A 238 -16.71 -4.29 -10.63
N LEU A 239 -16.99 -5.01 -9.56
CA LEU A 239 -15.95 -5.73 -8.81
C LEU A 239 -16.17 -7.23 -9.01
N GLN A 240 -15.29 -8.03 -8.40
CA GLN A 240 -15.44 -9.49 -8.41
C GLN A 240 -15.51 -10.03 -7.01
N ARG A 241 -16.29 -11.11 -6.84
CA ARG A 241 -16.33 -11.88 -5.61
C ARG A 241 -15.13 -12.83 -5.55
N ARG A 242 -14.93 -13.48 -4.40
CA ARG A 242 -13.87 -14.46 -4.21
C ARG A 242 -13.84 -15.56 -5.29
N ASN A 243 -15.03 -15.95 -5.76
CA ASN A 243 -15.16 -16.97 -6.81
C ASN A 243 -15.05 -16.42 -8.25
N GLY A 244 -14.79 -15.12 -8.37
CA GLY A 244 -14.60 -14.48 -9.68
C GLY A 244 -15.86 -13.94 -10.36
N SER A 245 -17.03 -14.20 -9.77
CA SER A 245 -18.30 -13.69 -10.28
C SER A 245 -18.42 -12.18 -10.05
N LYS A 246 -19.19 -11.52 -10.93
CA LYS A 246 -19.35 -10.05 -10.91
C LYS A 246 -20.23 -9.55 -9.76
N PHE A 247 -19.84 -8.41 -9.21
CA PHE A 247 -20.55 -7.71 -8.14
C PHE A 247 -20.61 -6.24 -8.56
N SER A 248 -21.81 -5.70 -8.71
CA SER A 248 -21.99 -4.30 -9.10
C SER A 248 -22.13 -3.39 -7.88
N VAL A 249 -21.36 -2.31 -7.88
CA VAL A 249 -21.40 -1.29 -6.83
C VAL A 249 -22.09 -0.04 -7.38
N TYR A 250 -23.20 0.35 -6.73
CA TYR A 250 -24.02 1.49 -7.17
C TYR A 250 -23.95 2.65 -6.20
N ASP A 251 -23.40 2.40 -5.01
CA ASP A 251 -23.51 3.32 -3.90
C ASP A 251 -22.36 3.15 -2.93
N VAL A 252 -21.99 4.26 -2.29
CA VAL A 252 -20.97 4.27 -1.23
C VAL A 252 -21.30 3.35 -0.05
N SER A 253 -22.60 3.16 0.24
CA SER A 253 -23.03 2.46 1.45
C SER A 253 -22.40 1.07 1.57
N ILE A 254 -22.38 0.34 0.46
CA ILE A 254 -21.87 -1.03 0.42
C ILE A 254 -20.36 -1.09 0.64
N LEU A 255 -19.68 0.04 0.42
CA LEU A 255 -18.23 0.14 0.51
C LEU A 255 -17.71 0.57 1.88
N ILE A 256 -18.59 1.09 2.74
CA ILE A 256 -18.18 1.55 4.08
C ILE A 256 -17.41 0.48 4.88
N PRO A 257 -17.88 -0.80 4.90
CA PRO A 257 -17.08 -1.83 5.57
C PRO A 257 -15.84 -2.34 4.80
N ILE A 258 -15.68 -1.91 3.54
CA ILE A 258 -14.68 -2.46 2.62
C ILE A 258 -13.49 -1.54 2.45
N ILE A 259 -13.75 -0.25 2.23
CA ILE A 259 -12.69 0.72 1.99
CA ILE A 259 -12.72 0.77 1.97
C ILE A 259 -12.45 1.56 3.25
N ALA A 260 -11.18 1.63 3.64
CA ALA A 260 -10.75 2.37 4.84
C ALA A 260 -10.24 3.78 4.55
N LEU A 261 -9.63 3.97 3.38
CA LEU A 261 -9.05 5.26 2.98
C LEU A 261 -9.25 5.50 1.50
N MET A 262 -9.47 6.74 1.12
CA MET A 262 -9.53 7.13 -0.28
C MET A 262 -8.43 8.12 -0.66
N VAL A 263 -7.97 8.04 -1.91
CA VAL A 263 -7.12 9.09 -2.47
C VAL A 263 -7.98 10.33 -2.73
N TYR A 264 -7.43 11.52 -2.48
CA TYR A 264 -8.13 12.78 -2.77
C TYR A 264 -8.31 12.95 -4.28
N ARG A 265 -9.56 13.10 -4.71
CA ARG A 265 -9.88 13.20 -6.13
C ARG A 265 -10.60 14.49 -6.52
N CYS A 266 -11.40 15.02 -5.60
CA CYS A 266 -12.05 16.32 -5.77
C CYS A 266 -12.40 16.92 -4.41
N ALA A 267 -12.76 18.20 -4.41
CA ALA A 267 -13.26 18.89 -3.21
C ALA A 267 -14.64 18.33 -2.82
N PRO A 268 -14.92 18.23 -1.50
CA PRO A 268 -16.26 17.79 -1.10
C PRO A 268 -17.30 18.89 -1.41
N PRO A 269 -18.43 18.52 -2.05
CA PRO A 269 -19.47 19.51 -2.36
C PRO A 269 -20.13 20.06 -1.08
N PRO A 270 -20.66 21.30 -1.13
CA PRO A 270 -21.40 21.82 0.03
C PRO A 270 -22.66 21.01 0.32
N SER A 271 -23.02 20.96 1.60
CA SER A 271 -24.22 20.25 2.08
C SER A 271 -25.52 20.93 1.61
N SER A 272 -26.66 20.30 1.90
CA SER A 272 -27.98 20.86 1.59
C SER A 272 -29.05 20.42 2.60
C2 JKU B . 3.66 0.93 -5.19
N2 JKU B . 4.99 1.02 -5.23
O4 JKU B . 1.01 1.30 -2.90
C4 JKU B . 1.59 1.09 -3.96
N3 JKU B . 2.99 1.18 -3.99
C4A JKU B . 0.90 0.75 -5.14
N1 JKU B . 2.97 0.60 -6.30
OBU JKU B . -0.28 -0.49 -9.74
C8A JKU B . 1.63 0.50 -6.31
N8 JKU B . 1.00 0.18 -7.45
C7 JKU B . -0.35 0.07 -7.51
N5 JKU B . -0.44 0.64 -5.15
C6 JKU B . -1.10 0.31 -6.35
CBH JKU B . -0.95 -0.24 -8.73
NBG JKU B . -2.28 -0.12 -8.79
S SO4 C . -1.56 -11.49 20.85
O1 SO4 C . -2.41 -10.70 21.74
O2 SO4 C . -2.38 -12.51 20.17
O3 SO4 C . -0.95 -10.59 19.86
O4 SO4 C . -0.51 -12.21 21.61
S SO4 D . 7.41 2.42 -15.88
O1 SO4 D . 6.48 2.61 -14.74
O2 SO4 D . 7.70 3.73 -16.48
O3 SO4 D . 8.67 1.81 -15.42
O4 SO4 D . 6.75 1.55 -16.87
#